data_4IKU
#
_entry.id   4IKU
#
_cell.length_a   47.493
_cell.length_b   77.377
_cell.length_c   48.088
_cell.angle_alpha   90.00
_cell.angle_beta   90.76
_cell.angle_gamma   90.00
#
_symmetry.space_group_name_H-M   'P 1 21 1'
#
loop_
_entity.id
_entity.type
_entity.pdbx_description
1 polymer 'Methionine aminopeptidase 1'
2 non-polymer Nalpha-[5-chloro-6-methyl-2-(pyridin-2-yl)pyrimidin-4-yl]-D-phenylalaninamide
3 non-polymer 'COBALT (II) ION'
4 non-polymer 'POTASSIUM ION'
5 water water
#
_entity_poly.entity_id   1
_entity_poly.type   'polypeptide(L)'
_entity_poly.pdbx_seq_one_letter_code
;MGSSHHHHHHSSGLVPRGSHMLEDPYRYTGKLRPHYPLMPTRPVPSYIQRPDYADHPLGMSESEQALKGTSQIKLLSSED
IEGMRLVCRLAREVLDVAAGMIKPGVTTEEIDHAVHLACIARNCYPSPLNYYNFPKSCCTSVNEVICHGIPDRRPLQEGD
IVNVDITLYRNGYHGDLNETFFVGEVDDGARKLVQTTYECLMQAIDAVKPGVRYRELGNIIQKHAQANGFSVVRSYCGHG
IHKLFHTAPNVPHYAKNKAVGVMKSGHVFTIEPMICEGGWQDETWPDGWTAVTRDGKRSAQFEHTLLVTDTGCEILTRRL
DSARPHFMS
;
_entity_poly.pdbx_strand_id   A
#
# COMPACT_ATOMS: atom_id res chain seq x y z
N TYR A 26 3.70 18.79 -19.65
CA TYR A 26 2.83 17.67 -19.20
C TYR A 26 1.36 18.09 -19.06
N ARG A 27 0.47 17.31 -19.66
CA ARG A 27 -0.95 17.53 -19.52
C ARG A 27 -1.51 16.66 -18.39
N TYR A 28 -1.98 17.31 -17.32
CA TYR A 28 -2.56 16.57 -16.19
C TYR A 28 -3.86 15.91 -16.60
N THR A 29 -4.14 14.75 -16.01
CA THR A 29 -5.28 13.93 -16.45
C THR A 29 -6.59 14.30 -15.76
N GLY A 30 -6.49 15.01 -14.64
CA GLY A 30 -7.65 15.45 -13.88
C GLY A 30 -7.42 16.80 -13.22
N LYS A 31 -8.09 17.02 -12.09
CA LYS A 31 -8.03 18.30 -11.38
C LYS A 31 -6.83 18.45 -10.44
N LEU A 32 -6.30 17.34 -9.95
CA LEU A 32 -5.20 17.36 -9.01
C LEU A 32 -3.91 17.90 -9.62
N ARG A 33 -3.19 18.68 -8.81
CA ARG A 33 -1.87 19.19 -9.16
C ARG A 33 -0.93 18.97 -7.98
N PRO A 34 0.38 18.86 -8.25
CA PRO A 34 1.32 18.85 -7.12
C PRO A 34 1.41 20.23 -6.51
N HIS A 35 1.59 20.28 -5.21
CA HIS A 35 1.68 21.54 -4.48
C HIS A 35 3.05 21.64 -3.84
N TYR A 36 3.95 22.35 -4.52
CA TYR A 36 5.34 22.52 -4.09
C TYR A 36 5.53 23.87 -3.38
N PRO A 37 6.68 24.07 -2.68
CA PRO A 37 7.78 23.14 -2.50
C PRO A 37 7.45 22.06 -1.47
N LEU A 38 8.22 20.98 -1.50
CA LEU A 38 8.19 20.00 -0.44
C LEU A 38 9.17 20.40 0.64
N MET A 39 8.82 20.06 1.87
CA MET A 39 9.74 20.19 2.98
C MET A 39 11.00 19.39 2.73
N PRO A 40 12.16 19.88 3.23
CA PRO A 40 13.40 19.12 3.15
C PRO A 40 13.16 17.73 3.73
N THR A 41 13.90 16.75 3.22
CA THR A 41 13.82 15.38 3.73
C THR A 41 13.85 15.37 5.26
N ARG A 42 12.96 14.57 5.85
CA ARG A 42 12.89 14.44 7.30
C ARG A 42 13.89 13.40 7.76
N PRO A 43 14.75 13.77 8.73
CA PRO A 43 15.74 12.80 9.21
C PRO A 43 15.11 11.77 10.14
N VAL A 44 15.70 10.58 10.15
CA VAL A 44 15.36 9.54 11.12
C VAL A 44 16.56 9.45 12.07
N PRO A 45 16.31 9.63 13.39
CA PRO A 45 17.41 9.53 14.37
C PRO A 45 18.25 8.28 14.16
N SER A 46 19.55 8.41 14.36
CA SER A 46 20.49 7.33 14.07
C SER A 46 20.30 6.06 14.90
N TYR A 47 19.60 6.16 16.03
CA TYR A 47 19.36 4.97 16.85
C TYR A 47 18.35 3.99 16.24
N ILE A 48 17.58 4.46 15.26
CA ILE A 48 16.65 3.58 14.57
C ILE A 48 17.36 2.80 13.48
N GLN A 49 17.16 1.48 13.50
CA GLN A 49 17.78 0.58 12.54
C GLN A 49 17.30 0.92 11.13
N ARG A 50 18.23 1.00 10.19
CA ARG A 50 17.93 1.43 8.83
C ARG A 50 18.05 0.28 7.84
N PRO A 51 17.15 0.24 6.84
CA PRO A 51 17.31 -0.74 5.76
C PRO A 51 18.47 -0.33 4.84
N ASP A 52 18.93 -1.25 4.00
CA ASP A 52 20.16 -1.01 3.22
C ASP A 52 20.07 0.23 2.31
N TYR A 53 18.90 0.44 1.72
CA TYR A 53 18.72 1.53 0.77
C TYR A 53 18.68 2.91 1.42
N ALA A 54 18.49 2.96 2.73
CA ALA A 54 18.34 4.25 3.41
C ALA A 54 19.53 5.18 3.17
N ASP A 55 20.72 4.60 3.10
CA ASP A 55 21.96 5.36 2.94
C ASP A 55 22.62 5.23 1.57
N HIS A 56 21.93 4.57 0.65
CA HIS A 56 22.41 4.51 -0.73
C HIS A 56 22.04 5.83 -1.43
N PRO A 57 22.99 6.41 -2.21
CA PRO A 57 22.72 7.74 -2.79
C PRO A 57 21.53 7.78 -3.75
N LEU A 58 21.24 6.66 -4.41
CA LEU A 58 20.08 6.56 -5.29
C LEU A 58 18.96 5.75 -4.63
N GLY A 59 19.16 5.42 -3.35
CA GLY A 59 18.17 4.65 -2.59
C GLY A 59 17.94 3.26 -3.14
N MET A 60 18.95 2.69 -3.80
CA MET A 60 18.85 1.33 -4.29
C MET A 60 19.02 0.33 -3.15
N SER A 61 18.29 -0.77 -3.23
CA SER A 61 18.40 -1.82 -2.22
C SER A 61 19.18 -3.00 -2.80
N GLU A 62 20.41 -3.15 -2.34
CA GLU A 62 21.28 -4.17 -2.90
C GLU A 62 20.81 -5.57 -2.56
N SER A 63 20.22 -5.73 -1.38
CA SER A 63 19.62 -7.01 -0.97
C SER A 63 18.46 -7.43 -1.89
N GLU A 64 17.65 -6.46 -2.31
CA GLU A 64 16.58 -6.73 -3.28
C GLU A 64 17.11 -6.98 -4.68
N GLN A 65 18.03 -6.12 -5.14
CA GLN A 65 18.58 -6.22 -6.49
C GLN A 65 19.28 -7.55 -6.76
N ALA A 66 19.88 -8.13 -5.71
CA ALA A 66 20.53 -9.42 -5.79
C ALA A 66 19.53 -10.55 -6.07
N LEU A 67 18.24 -10.28 -5.87
CA LEU A 67 17.20 -11.28 -6.13
C LEU A 67 16.27 -10.87 -7.27
N LYS A 68 16.61 -9.79 -7.97
CA LYS A 68 15.82 -9.33 -9.11
C LYS A 68 15.81 -10.39 -10.21
N GLY A 69 14.61 -10.76 -10.64
CA GLY A 69 14.44 -11.76 -11.69
C GLY A 69 14.41 -13.19 -11.17
N THR A 70 14.30 -13.34 -9.85
CA THR A 70 14.12 -14.65 -9.21
C THR A 70 12.66 -14.78 -8.74
N SER A 71 12.12 -15.99 -8.85
CA SER A 71 10.72 -16.24 -8.52
C SER A 71 10.52 -17.12 -7.26
N GLN A 72 11.63 -17.56 -6.67
CA GLN A 72 11.58 -18.36 -5.44
C GLN A 72 11.05 -17.54 -4.26
N ILE A 73 10.13 -18.14 -3.51
CA ILE A 73 9.48 -17.48 -2.38
C ILE A 73 10.03 -18.01 -1.06
N LYS A 74 10.43 -17.09 -0.18
CA LYS A 74 10.96 -17.43 1.14
C LYS A 74 9.92 -18.17 1.99
N LEU A 75 10.37 -19.19 2.69
CA LEU A 75 9.57 -19.84 3.73
C LEU A 75 10.06 -19.30 5.07
N LEU A 76 9.21 -18.53 5.74
CA LEU A 76 9.59 -17.83 6.96
C LEU A 76 9.75 -18.75 8.16
N SER A 77 10.77 -18.49 8.98
CA SER A 77 10.97 -19.21 10.22
C SER A 77 10.07 -18.65 11.32
N SER A 78 10.05 -19.33 12.46
CA SER A 78 9.30 -18.86 13.63
C SER A 78 9.75 -17.47 14.07
N GLU A 79 11.07 -17.24 14.02
CA GLU A 79 11.66 -15.95 14.35
C GLU A 79 11.19 -14.88 13.35
N ASP A 80 11.20 -15.25 12.07
CA ASP A 80 10.74 -14.36 10.99
C ASP A 80 9.29 -13.98 11.22
N ILE A 81 8.44 -14.98 11.46
CA ILE A 81 7.02 -14.78 11.71
C ILE A 81 6.78 -13.85 12.90
N GLU A 82 7.52 -14.04 13.99
CA GLU A 82 7.41 -13.14 15.15
C GLU A 82 7.81 -11.71 14.78
N GLY A 83 8.86 -11.58 13.98
CA GLY A 83 9.30 -10.28 13.49
C GLY A 83 8.25 -9.61 12.61
N MET A 84 7.60 -10.40 11.77
CA MET A 84 6.55 -9.86 10.90
C MET A 84 5.28 -9.48 11.68
N ARG A 85 4.89 -10.31 12.65
CA ARG A 85 3.76 -9.98 13.50
C ARG A 85 3.95 -8.62 14.19
N LEU A 86 5.17 -8.40 14.70
CA LEU A 86 5.47 -7.18 15.41
C LEU A 86 5.40 -5.95 14.48
N VAL A 87 6.18 -5.97 13.39
CA VAL A 87 6.24 -4.79 12.53
C VAL A 87 4.87 -4.50 11.88
N CYS A 88 4.13 -5.55 11.54
CA CYS A 88 2.80 -5.38 10.95
C CYS A 88 1.80 -4.76 11.94
N ARG A 89 1.88 -5.17 13.20
CA ARG A 89 1.07 -4.56 14.25
C ARG A 89 1.42 -3.08 14.41
N LEU A 90 2.72 -2.77 14.41
CA LEU A 90 3.15 -1.39 14.54
C LEU A 90 2.73 -0.53 13.33
N ALA A 91 2.81 -1.12 12.15
CA ALA A 91 2.38 -0.43 10.94
C ALA A 91 0.88 -0.11 11.00
N ARG A 92 0.08 -1.06 11.46
CA ARG A 92 -1.34 -0.80 11.71
C ARG A 92 -1.56 0.40 12.65
N GLU A 93 -0.81 0.45 13.75
CA GLU A 93 -0.92 1.58 14.68
C GLU A 93 -0.64 2.90 13.97
N VAL A 94 0.36 2.90 13.10
CA VAL A 94 0.72 4.12 12.37
C VAL A 94 -0.35 4.50 11.33
N LEU A 95 -0.91 3.52 10.65
CA LEU A 95 -2.00 3.83 9.74
C LEU A 95 -3.20 4.42 10.49
N ASP A 96 -3.48 3.86 11.67
CA ASP A 96 -4.57 4.38 12.51
C ASP A 96 -4.31 5.84 12.92
N VAL A 97 -3.05 6.19 13.18
CA VAL A 97 -2.69 7.60 13.42
C VAL A 97 -3.07 8.48 12.22
N ALA A 98 -2.70 8.06 11.01
CA ALA A 98 -3.03 8.82 9.81
C ALA A 98 -4.54 8.95 9.63
N ALA A 99 -5.26 7.86 9.87
CA ALA A 99 -6.70 7.81 9.72
C ALA A 99 -7.38 8.90 10.54
N GLY A 100 -6.89 9.10 11.76
CA GLY A 100 -7.46 10.07 12.70
C GLY A 100 -7.26 11.52 12.29
N MET A 101 -6.45 11.76 11.28
CA MET A 101 -6.12 13.11 10.82
C MET A 101 -6.85 13.51 9.56
N ILE A 102 -7.59 12.58 8.99
CA ILE A 102 -8.24 12.81 7.70
C ILE A 102 -9.46 13.71 7.88
N LYS A 103 -9.28 14.97 7.50
CA LYS A 103 -10.36 15.96 7.54
C LYS A 103 -10.02 17.09 6.57
N PRO A 104 -11.05 17.84 6.11
CA PRO A 104 -10.78 18.98 5.22
C PRO A 104 -9.75 19.93 5.80
N GLY A 105 -8.88 20.45 4.93
CA GLY A 105 -7.89 21.46 5.32
C GLY A 105 -6.54 20.93 5.79
N VAL A 106 -6.47 19.66 6.17
CA VAL A 106 -5.20 19.04 6.53
C VAL A 106 -4.43 18.73 5.24
N THR A 107 -3.14 19.04 5.23
CA THR A 107 -2.33 18.73 4.03
C THR A 107 -1.81 17.30 4.13
N THR A 108 -1.48 16.73 2.97
CA THR A 108 -0.88 15.41 2.96
C THR A 108 0.53 15.42 3.58
N GLU A 109 1.25 16.55 3.44
CA GLU A 109 2.51 16.69 4.15
C GLU A 109 2.37 16.60 5.66
N GLU A 110 1.28 17.17 6.19
CA GLU A 110 1.01 17.14 7.63
C GLU A 110 0.72 15.72 8.08
N ILE A 111 -0.02 14.97 7.26
CA ILE A 111 -0.24 13.53 7.51
C ILE A 111 1.10 12.79 7.54
N ASP A 112 1.94 13.06 6.55
CA ASP A 112 3.25 12.42 6.45
C ASP A 112 4.15 12.72 7.66
N HIS A 113 4.11 13.98 8.13
CA HIS A 113 4.91 14.37 9.31
C HIS A 113 4.48 13.58 10.54
N ALA A 114 3.18 13.45 10.73
CA ALA A 114 2.65 12.66 11.85
C ALA A 114 3.00 11.17 11.71
N VAL A 115 2.93 10.64 10.49
CA VAL A 115 3.35 9.26 10.23
C VAL A 115 4.83 9.04 10.56
N HIS A 116 5.66 9.95 10.06
CA HIS A 116 7.10 9.92 10.31
C HIS A 116 7.41 9.85 11.81
N LEU A 117 6.82 10.76 12.58
CA LEU A 117 7.02 10.78 14.03
C LEU A 117 6.49 9.53 14.73
N ALA A 118 5.36 9.02 14.25
CA ALA A 118 4.76 7.81 14.81
C ALA A 118 5.62 6.57 14.55
N CYS A 119 6.27 6.50 13.39
CA CYS A 119 7.23 5.44 13.13
C CYS A 119 8.40 5.50 14.13
N ILE A 120 9.00 6.67 14.23
CA ILE A 120 10.14 6.90 15.12
C ILE A 120 9.80 6.56 16.59
N ALA A 121 8.60 6.94 17.02
CA ALA A 121 8.12 6.65 18.37
C ALA A 121 8.04 5.14 18.64
N ARG A 122 7.86 4.36 17.58
CA ARG A 122 7.79 2.92 17.67
C ARG A 122 9.11 2.27 17.30
N ASN A 123 10.18 3.06 17.27
CA ASN A 123 11.51 2.59 16.93
C ASN A 123 11.56 1.87 15.59
N CYS A 124 10.81 2.43 14.64
CA CYS A 124 10.73 1.93 13.28
C CYS A 124 11.21 2.98 12.30
N TYR A 125 11.79 2.50 11.21
CA TYR A 125 12.13 3.33 10.07
C TYR A 125 10.94 3.33 9.11
N PRO A 126 10.55 4.50 8.58
CA PRO A 126 9.47 4.54 7.57
C PRO A 126 9.98 4.06 6.21
N SER A 127 9.64 2.83 5.85
CA SER A 127 10.23 2.16 4.68
C SER A 127 10.24 2.94 3.37
N PRO A 128 9.16 3.69 3.05
CA PRO A 128 9.23 4.43 1.77
C PRO A 128 10.32 5.49 1.71
N LEU A 129 10.78 5.99 2.86
CA LEU A 129 11.71 7.10 2.90
C LEU A 129 13.07 6.75 2.27
N ASN A 130 13.35 7.46 1.17
CA ASN A 130 14.53 7.23 0.33
C ASN A 130 14.59 5.89 -0.39
N TYR A 131 13.47 5.18 -0.41
CA TYR A 131 13.39 3.96 -1.19
C TYR A 131 13.41 4.38 -2.66
N TYR A 132 14.53 4.11 -3.32
CA TYR A 132 14.76 4.61 -4.68
C TYR A 132 14.52 6.12 -4.76
N ASN A 133 14.96 6.80 -3.69
CA ASN A 133 14.90 8.26 -3.57
C ASN A 133 13.49 8.81 -3.43
N PHE A 134 12.52 7.95 -3.11
CA PHE A 134 11.19 8.45 -2.77
C PHE A 134 11.35 9.46 -1.62
N PRO A 135 10.77 10.65 -1.76
CA PRO A 135 11.13 11.74 -0.84
C PRO A 135 10.41 11.81 0.51
N LYS A 136 9.40 10.97 0.72
CA LYS A 136 8.56 11.06 1.92
C LYS A 136 8.44 9.73 2.65
N SER A 137 7.70 9.72 3.74
CA SER A 137 7.67 8.58 4.65
C SER A 137 6.44 7.70 4.46
N CYS A 138 5.52 8.14 3.61
CA CYS A 138 4.34 7.36 3.23
C CYS A 138 3.88 7.87 1.89
N CYS A 139 2.90 7.19 1.30
CA CYS A 139 2.30 7.61 0.04
C CYS A 139 0.86 8.02 0.27
N THR A 140 0.51 9.19 -0.26
CA THR A 140 -0.85 9.73 -0.09
C THR A 140 -1.44 9.95 -1.48
N SER A 141 -2.51 9.21 -1.79
CA SER A 141 -3.03 9.14 -3.14
C SER A 141 -4.48 9.60 -3.17
N VAL A 142 -4.65 10.85 -3.58
CA VAL A 142 -5.95 11.50 -3.62
C VAL A 142 -6.64 11.25 -4.97
N ASN A 143 -7.93 10.89 -4.92
CA ASN A 143 -8.79 10.88 -6.12
C ASN A 143 -8.21 10.08 -7.29
N GLU A 144 -7.84 10.74 -8.40
CA GLU A 144 -7.30 10.06 -9.59
C GLU A 144 -5.90 9.44 -9.43
N VAL A 145 -5.23 9.72 -8.32
CA VAL A 145 -3.94 9.09 -8.05
C VAL A 145 -4.18 7.64 -7.64
N ILE A 146 -3.60 6.73 -8.43
CA ILE A 146 -3.72 5.30 -8.23
C ILE A 146 -2.86 4.86 -7.04
N CYS A 147 -1.62 5.35 -7.01
CA CYS A 147 -0.69 5.01 -5.96
C CYS A 147 0.51 5.93 -6.07
N HIS A 148 1.32 5.90 -5.02
CA HIS A 148 2.60 6.59 -4.96
C HIS A 148 2.52 8.10 -5.00
N GLY A 149 1.37 8.66 -4.61
CA GLY A 149 1.26 10.09 -4.42
C GLY A 149 2.26 10.58 -3.39
N ILE A 150 2.86 11.72 -3.66
CA ILE A 150 3.87 12.30 -2.77
C ILE A 150 3.22 13.35 -1.87
N PRO A 151 3.23 13.13 -0.54
CA PRO A 151 2.71 14.13 0.41
C PRO A 151 3.23 15.52 0.08
N ASP A 152 2.33 16.49 -0.01
CA ASP A 152 2.72 17.84 -0.41
C ASP A 152 1.86 18.87 0.30
N ARG A 153 1.90 20.12 -0.19
CA ARG A 153 1.23 21.20 0.51
C ARG A 153 -0.29 21.32 0.26
N ARG A 154 -0.87 20.41 -0.53
CA ARG A 154 -2.30 20.47 -0.85
C ARG A 154 -3.20 20.14 0.35
N PRO A 155 -4.07 21.09 0.77
CA PRO A 155 -5.05 20.73 1.79
C PRO A 155 -6.11 19.79 1.22
N LEU A 156 -6.47 18.76 1.98
CA LEU A 156 -7.56 17.88 1.59
C LEU A 156 -8.85 18.66 1.48
N GLN A 157 -9.68 18.28 0.51
CA GLN A 157 -10.94 18.96 0.24
C GLN A 157 -12.12 18.05 0.57
N GLU A 158 -13.19 18.65 1.09
CA GLU A 158 -14.44 17.92 1.32
C GLU A 158 -14.83 17.21 0.03
N GLY A 159 -15.13 15.92 0.12
CA GLY A 159 -15.49 15.13 -1.05
C GLY A 159 -14.37 14.30 -1.63
N ASP A 160 -13.13 14.62 -1.26
CA ASP A 160 -11.96 13.83 -1.68
C ASP A 160 -12.03 12.41 -1.11
N ILE A 161 -11.43 11.47 -1.84
CA ILE A 161 -11.00 10.20 -1.25
C ILE A 161 -9.48 10.20 -1.24
N VAL A 162 -8.90 9.60 -0.21
CA VAL A 162 -7.45 9.58 -0.12
C VAL A 162 -6.95 8.26 0.46
N ASN A 163 -5.99 7.67 -0.23
CA ASN A 163 -5.35 6.47 0.27
C ASN A 163 -4.07 6.87 1.01
N VAL A 164 -3.82 6.27 2.16
CA VAL A 164 -2.53 6.39 2.80
C VAL A 164 -1.90 4.99 2.85
N ASP A 165 -0.70 4.87 2.29
CA ASP A 165 -0.01 3.58 2.23
C ASP A 165 1.22 3.70 3.13
N ILE A 166 1.24 2.83 4.14
CA ILE A 166 2.22 2.81 5.22
C ILE A 166 3.07 1.58 5.13
N THR A 167 4.39 1.74 5.28
CA THR A 167 5.24 0.57 5.50
C THR A 167 6.30 0.95 6.54
N LEU A 168 6.50 0.05 7.51
CA LEU A 168 7.47 0.25 8.59
C LEU A 168 8.53 -0.82 8.53
N TYR A 169 9.71 -0.47 9.04
CA TYR A 169 10.84 -1.39 9.12
C TYR A 169 11.30 -1.50 10.56
N ARG A 170 11.33 -2.72 11.08
CA ARG A 170 11.73 -2.97 12.47
C ARG A 170 12.52 -4.28 12.56
N ASN A 171 13.72 -4.20 13.12
CA ASN A 171 14.56 -5.38 13.38
C ASN A 171 14.73 -6.27 12.14
N GLY A 172 14.85 -5.64 10.97
CA GLY A 172 15.10 -6.35 9.72
C GLY A 172 13.85 -6.73 8.92
N TYR A 173 12.68 -6.35 9.42
CA TYR A 173 11.41 -6.75 8.79
C TYR A 173 10.54 -5.55 8.41
N HIS A 174 9.87 -5.67 7.26
CA HIS A 174 8.96 -4.63 6.77
C HIS A 174 7.50 -5.07 6.92
N GLY A 175 6.62 -4.13 7.27
CA GLY A 175 5.17 -4.40 7.41
C GLY A 175 4.38 -3.33 6.67
N ASP A 176 3.39 -3.73 5.85
CA ASP A 176 2.84 -2.91 4.77
C ASP A 176 1.31 -2.97 4.77
N LEU A 177 0.64 -1.82 4.84
CA LEU A 177 -0.81 -1.82 4.70
C LEU A 177 -1.28 -0.47 4.16
N ASN A 178 -2.48 -0.44 3.60
CA ASN A 178 -3.07 0.83 3.19
C ASN A 178 -4.59 0.78 3.25
N GLU A 179 -5.20 1.95 3.44
CA GLU A 179 -6.65 2.10 3.35
C GLU A 179 -6.97 3.39 2.63
N THR A 180 -8.13 3.41 1.98
CA THR A 180 -8.69 4.62 1.43
C THR A 180 -9.71 5.22 2.42
N PHE A 181 -9.65 6.54 2.58
CA PHE A 181 -10.48 7.26 3.53
C PHE A 181 -11.35 8.27 2.82
N PHE A 182 -12.45 8.64 3.47
CA PHE A 182 -13.31 9.71 2.97
C PHE A 182 -12.92 10.99 3.68
N VAL A 183 -12.89 12.09 2.94
CA VAL A 183 -12.65 13.41 3.53
C VAL A 183 -14.00 14.13 3.63
N GLY A 184 -14.50 14.24 4.86
CA GLY A 184 -15.86 14.75 5.09
C GLY A 184 -16.88 13.87 4.40
N GLU A 185 -17.94 14.49 3.90
CA GLU A 185 -18.98 13.77 3.16
C GLU A 185 -18.57 13.62 1.70
N VAL A 186 -18.78 12.42 1.17
CA VAL A 186 -18.41 12.09 -0.22
C VAL A 186 -19.63 11.63 -1.02
N ASP A 187 -19.51 11.63 -2.35
CA ASP A 187 -20.65 11.25 -3.20
C ASP A 187 -20.85 9.73 -3.32
N ASP A 188 -21.97 9.33 -3.90
CA ASP A 188 -22.34 7.91 -4.04
C ASP A 188 -21.31 7.08 -4.80
N GLY A 189 -20.76 7.65 -5.87
CA GLY A 189 -19.72 6.99 -6.66
C GLY A 189 -18.49 6.68 -5.83
N ALA A 190 -18.09 7.63 -4.99
CA ALA A 190 -16.93 7.45 -4.11
C ALA A 190 -17.20 6.34 -3.10
N ARG A 191 -18.40 6.33 -2.52
CA ARG A 191 -18.78 5.29 -1.56
C ARG A 191 -18.77 3.91 -2.20
N LYS A 192 -19.31 3.81 -3.42
CA LYS A 192 -19.37 2.55 -4.15
C LYS A 192 -17.97 2.06 -4.54
N LEU A 193 -17.13 2.98 -5.03
CA LEU A 193 -15.77 2.65 -5.42
C LEU A 193 -14.99 2.09 -4.24
N VAL A 194 -15.01 2.81 -3.13
CA VAL A 194 -14.22 2.43 -1.96
C VAL A 194 -14.72 1.10 -1.37
N GLN A 195 -16.04 0.97 -1.24
CA GLN A 195 -16.63 -0.28 -0.74
C GLN A 195 -16.26 -1.47 -1.62
N THR A 196 -16.39 -1.32 -2.93
CA THR A 196 -16.07 -2.41 -3.86
C THR A 196 -14.60 -2.81 -3.78
N THR A 197 -13.71 -1.82 -3.70
CA THR A 197 -12.29 -2.09 -3.61
C THR A 197 -11.98 -2.90 -2.35
N TYR A 198 -12.58 -2.48 -1.24
CA TYR A 198 -12.39 -3.22 0.00
C TYR A 198 -12.90 -4.66 -0.10
N GLU A 199 -14.08 -4.81 -0.70
CA GLU A 199 -14.64 -6.14 -0.96
C GLU A 199 -13.72 -6.99 -1.84
N CYS A 200 -13.13 -6.38 -2.88
CA CYS A 200 -12.17 -7.08 -3.72
C CYS A 200 -11.00 -7.66 -2.93
N LEU A 201 -10.42 -6.84 -2.07
CA LEU A 201 -9.32 -7.28 -1.22
C LEU A 201 -9.74 -8.46 -0.34
N MET A 202 -10.89 -8.31 0.32
CA MET A 202 -11.34 -9.33 1.27
C MET A 202 -11.72 -10.64 0.62
N GLN A 203 -12.31 -10.58 -0.57
CA GLN A 203 -12.60 -11.81 -1.30
C GLN A 203 -11.30 -12.52 -1.70
N ALA A 204 -10.29 -11.76 -2.10
CA ALA A 204 -8.99 -12.35 -2.42
C ALA A 204 -8.34 -13.01 -1.19
N ILE A 205 -8.36 -12.31 -0.05
CA ILE A 205 -7.82 -12.84 1.20
C ILE A 205 -8.51 -14.15 1.61
N ASP A 206 -9.83 -14.18 1.43
CA ASP A 206 -10.62 -15.36 1.77
C ASP A 206 -10.22 -16.62 1.02
N ALA A 207 -9.59 -16.43 -0.14
CA ALA A 207 -9.14 -17.55 -0.97
C ALA A 207 -7.73 -18.04 -0.64
N VAL A 208 -7.01 -17.29 0.19
CA VAL A 208 -5.62 -17.61 0.50
C VAL A 208 -5.54 -18.81 1.44
N LYS A 209 -4.84 -19.85 0.98
CA LYS A 209 -4.54 -21.04 1.76
C LYS A 209 -3.48 -21.83 1.01
N PRO A 210 -2.76 -22.73 1.70
CA PRO A 210 -1.75 -23.53 1.00
C PRO A 210 -2.34 -24.28 -0.18
N GLY A 211 -1.59 -24.31 -1.28
CA GLY A 211 -2.03 -25.01 -2.47
C GLY A 211 -2.66 -24.14 -3.55
N VAL A 212 -3.03 -22.91 -3.19
CA VAL A 212 -3.64 -21.98 -4.15
C VAL A 212 -2.55 -21.26 -4.97
N ARG A 213 -2.76 -21.18 -6.28
CA ARG A 213 -1.84 -20.44 -7.15
C ARG A 213 -2.00 -18.94 -6.94
N TYR A 214 -0.88 -18.22 -6.92
CA TYR A 214 -0.93 -16.76 -6.74
C TYR A 214 -1.70 -16.08 -7.87
N ARG A 215 -1.68 -16.68 -9.06
CA ARG A 215 -2.37 -16.11 -10.22
C ARG A 215 -3.90 -16.14 -10.09
N GLU A 216 -4.42 -16.94 -9.15
CA GLU A 216 -5.85 -17.05 -8.97
C GLU A 216 -6.49 -15.80 -8.34
N LEU A 217 -5.74 -15.10 -7.50
CA LEU A 217 -6.27 -13.94 -6.79
C LEU A 217 -6.79 -12.87 -7.74
N GLY A 218 -6.07 -12.64 -8.82
CA GLY A 218 -6.49 -11.68 -9.85
C GLY A 218 -7.82 -12.02 -10.50
N ASN A 219 -8.08 -13.31 -10.68
CA ASN A 219 -9.38 -13.74 -11.20
C ASN A 219 -10.50 -13.31 -10.27
N ILE A 220 -10.29 -13.51 -8.97
CA ILE A 220 -11.28 -13.16 -7.96
C ILE A 220 -11.53 -11.63 -7.93
N ILE A 221 -10.45 -10.86 -7.93
CA ILE A 221 -10.55 -9.40 -7.81
C ILE A 221 -11.26 -8.79 -9.02
N GLN A 222 -10.83 -9.16 -10.22
CA GLN A 222 -11.41 -8.59 -11.44
C GLN A 222 -12.90 -8.95 -11.58
N LYS A 223 -13.25 -10.18 -11.22
CA LYS A 223 -14.65 -10.61 -11.27
C LYS A 223 -15.54 -9.67 -10.48
N HIS A 224 -15.13 -9.35 -9.25
CA HIS A 224 -15.93 -8.47 -8.40
C HIS A 224 -15.91 -7.01 -8.84
N ALA A 225 -14.73 -6.53 -9.25
CA ALA A 225 -14.61 -5.17 -9.77
C ALA A 225 -15.49 -4.97 -11.02
N GLN A 226 -15.39 -5.91 -11.95
CA GLN A 226 -16.14 -5.86 -13.22
C GLN A 226 -17.65 -5.89 -12.98
N ALA A 227 -18.07 -6.69 -12.00
CA ALA A 227 -19.50 -6.81 -11.65
C ALA A 227 -20.08 -5.50 -11.13
N ASN A 228 -19.21 -4.60 -10.68
CA ASN A 228 -19.63 -3.29 -10.18
C ASN A 228 -19.25 -2.14 -11.11
N GLY A 229 -18.85 -2.48 -12.33
CA GLY A 229 -18.59 -1.49 -13.37
C GLY A 229 -17.24 -0.78 -13.23
N PHE A 230 -16.34 -1.41 -12.49
CA PHE A 230 -15.00 -0.85 -12.27
C PHE A 230 -13.90 -1.66 -12.97
N SER A 231 -12.74 -1.04 -13.13
CA SER A 231 -11.61 -1.68 -13.79
C SER A 231 -10.46 -1.90 -12.81
N VAL A 232 -9.52 -2.77 -13.20
CA VAL A 232 -8.40 -3.17 -12.34
C VAL A 232 -7.06 -2.73 -12.91
N VAL A 233 -6.33 -1.93 -12.14
CA VAL A 233 -5.00 -1.49 -12.54
C VAL A 233 -4.08 -2.67 -12.82
N ARG A 234 -3.36 -2.59 -13.94
CA ARG A 234 -2.50 -3.68 -14.39
C ARG A 234 -1.02 -3.47 -14.12
N SER A 235 -0.60 -2.22 -13.97
CA SER A 235 0.83 -1.91 -13.93
C SER A 235 1.46 -2.08 -12.55
N TYR A 236 0.63 -2.26 -11.53
CA TYR A 236 1.09 -2.34 -10.13
C TYR A 236 0.45 -3.56 -9.49
N CYS A 237 1.23 -4.26 -8.66
CA CYS A 237 0.85 -5.56 -8.10
C CYS A 237 1.20 -5.68 -6.62
N GLY A 238 0.63 -6.69 -5.98
CA GLY A 238 1.06 -7.09 -4.64
C GLY A 238 2.41 -7.76 -4.74
N HIS A 239 2.99 -8.08 -3.58
CA HIS A 239 4.38 -8.48 -3.51
C HIS A 239 4.71 -9.23 -2.23
N GLY A 240 5.69 -10.11 -2.32
CA GLY A 240 6.33 -10.63 -1.13
C GLY A 240 6.92 -9.49 -0.32
N ILE A 241 6.94 -9.69 0.98
CA ILE A 241 7.49 -8.71 1.91
C ILE A 241 7.95 -9.45 3.15
N HIS A 242 9.16 -9.15 3.60
CA HIS A 242 9.69 -9.68 4.87
C HIS A 242 10.98 -8.93 5.21
N LYS A 243 12.13 -9.53 4.95
CA LYS A 243 13.41 -8.84 5.11
C LYS A 243 13.61 -7.81 3.99
N LEU A 244 12.88 -8.01 2.90
CA LEU A 244 12.87 -7.09 1.77
C LEU A 244 11.50 -6.39 1.74
N PHE A 245 11.47 -5.17 1.21
CA PHE A 245 10.23 -4.38 1.09
C PHE A 245 9.38 -4.99 -0.04
N HIS A 246 9.98 -5.18 -1.21
CA HIS A 246 9.27 -5.80 -2.33
C HIS A 246 10.11 -6.94 -2.87
N THR A 247 9.54 -8.14 -2.90
CA THR A 247 10.23 -9.33 -3.41
C THR A 247 9.23 -10.36 -3.91
N ALA A 248 9.71 -11.55 -4.30
CA ALA A 248 8.82 -12.61 -4.76
C ALA A 248 7.84 -13.01 -3.66
N PRO A 249 6.58 -13.32 -4.03
CA PRO A 249 6.06 -13.32 -5.39
C PRO A 249 5.49 -11.99 -5.87
N ASN A 250 5.45 -11.78 -7.18
CA ASN A 250 4.65 -10.74 -7.78
C ASN A 250 3.20 -11.20 -7.81
N VAL A 251 2.28 -10.36 -7.34
CA VAL A 251 0.87 -10.74 -7.20
C VAL A 251 -0.07 -9.78 -7.97
N PRO A 252 -0.31 -10.06 -9.26
CA PRO A 252 -1.20 -9.23 -10.07
C PRO A 252 -2.63 -9.29 -9.54
N HIS A 253 -3.39 -8.23 -9.76
CA HIS A 253 -4.77 -8.15 -9.28
C HIS A 253 -5.83 -8.34 -10.38
N TYR A 254 -5.36 -8.54 -11.62
CA TYR A 254 -6.27 -8.70 -12.76
C TYR A 254 -6.35 -10.16 -13.20
N ALA A 255 -7.39 -10.48 -13.99
CA ALA A 255 -7.67 -11.84 -14.41
C ALA A 255 -6.69 -12.39 -15.45
N LYS A 256 -6.52 -13.72 -15.44
CA LYS A 256 -5.72 -14.44 -16.44
C LYS A 256 -4.29 -13.91 -16.55
N ASN A 257 -3.67 -13.66 -15.40
CA ASN A 257 -2.29 -13.22 -15.35
C ASN A 257 -1.35 -14.42 -15.28
N LYS A 258 -0.06 -14.18 -15.44
CA LYS A 258 0.92 -15.27 -15.48
C LYS A 258 1.82 -15.34 -14.24
N ALA A 259 1.29 -14.91 -13.10
CA ALA A 259 2.05 -14.96 -11.85
C ALA A 259 2.57 -16.36 -11.57
N VAL A 260 3.82 -16.42 -11.11
CA VAL A 260 4.49 -17.68 -10.81
C VAL A 260 4.44 -17.96 -9.31
N GLY A 261 4.04 -19.18 -8.98
CA GLY A 261 4.11 -19.63 -7.59
C GLY A 261 2.83 -20.21 -7.04
N VAL A 262 3.00 -21.04 -6.02
CA VAL A 262 1.89 -21.66 -5.31
C VAL A 262 2.05 -21.37 -3.83
N MET A 263 0.95 -21.01 -3.18
CA MET A 263 0.95 -20.66 -1.76
C MET A 263 1.32 -21.84 -0.86
N LYS A 264 2.16 -21.54 0.12
CA LYS A 264 2.60 -22.52 1.11
C LYS A 264 2.57 -21.89 2.49
N SER A 265 2.27 -22.68 3.52
CA SER A 265 2.33 -22.20 4.89
C SER A 265 3.71 -21.60 5.16
N GLY A 266 3.74 -20.37 5.65
CA GLY A 266 5.01 -19.67 5.91
C GLY A 266 5.37 -18.60 4.90
N HIS A 267 4.58 -18.50 3.84
CA HIS A 267 4.72 -17.43 2.84
C HIS A 267 4.10 -16.15 3.39
N VAL A 268 4.80 -15.02 3.20
CA VAL A 268 4.23 -13.70 3.51
C VAL A 268 4.24 -12.81 2.28
N PHE A 269 3.09 -12.21 2.01
CA PHE A 269 2.94 -11.36 0.83
C PHE A 269 1.78 -10.39 1.01
N THR A 270 1.70 -9.41 0.12
CA THR A 270 0.58 -8.48 0.15
C THR A 270 -0.41 -8.71 -0.99
N ILE A 271 -1.64 -8.30 -0.73
CA ILE A 271 -2.66 -8.12 -1.76
C ILE A 271 -3.08 -6.65 -1.62
N GLU A 272 -3.08 -5.92 -2.72
CA GLU A 272 -3.26 -4.47 -2.63
C GLU A 272 -3.97 -3.90 -3.87
N PRO A 273 -5.18 -4.40 -4.17
CA PRO A 273 -5.83 -4.05 -5.44
C PRO A 273 -6.10 -2.56 -5.59
N MET A 274 -5.77 -2.03 -6.76
CA MET A 274 -6.14 -0.68 -7.16
C MET A 274 -7.24 -0.79 -8.22
N ILE A 275 -8.38 -0.17 -7.91
CA ILE A 275 -9.61 -0.28 -8.70
C ILE A 275 -10.00 1.12 -9.19
N CYS A 276 -10.51 1.21 -10.41
CA CYS A 276 -10.78 2.51 -11.01
C CYS A 276 -12.23 2.68 -11.46
N GLU A 277 -12.72 3.91 -11.35
CA GLU A 277 -14.06 4.27 -11.83
C GLU A 277 -14.20 4.12 -13.33
N GLY A 278 -13.16 4.56 -14.06
CA GLY A 278 -13.15 4.51 -15.52
C GLY A 278 -12.31 3.35 -16.01
N GLY A 279 -11.38 3.63 -16.91
CA GLY A 279 -10.50 2.60 -17.46
C GLY A 279 -9.32 2.33 -16.53
N TRP A 280 -8.60 1.25 -16.81
CA TRP A 280 -7.50 0.77 -15.94
C TRP A 280 -6.15 1.42 -16.22
N GLN A 281 -6.05 2.09 -17.37
CA GLN A 281 -4.76 2.61 -17.84
C GLN A 281 -4.18 3.68 -16.91
N ASP A 282 -2.90 3.56 -16.63
CA ASP A 282 -2.21 4.49 -15.74
C ASP A 282 -1.12 5.24 -16.51
N GLU A 283 -0.75 6.40 -15.98
CA GLU A 283 0.45 7.09 -16.41
C GLU A 283 1.09 7.74 -15.20
N THR A 284 2.34 8.16 -15.35
CA THR A 284 3.10 8.71 -14.24
C THR A 284 3.35 10.20 -14.44
N TRP A 285 3.18 10.99 -13.38
CA TRP A 285 3.52 12.41 -13.39
C TRP A 285 5.01 12.64 -13.63
N PRO A 286 5.38 13.86 -14.05
CA PRO A 286 6.80 14.19 -14.23
C PRO A 286 7.65 14.00 -12.96
N ASP A 287 7.03 13.91 -11.79
CA ASP A 287 7.81 13.66 -10.56
C ASP A 287 8.40 12.25 -10.53
N GLY A 288 7.97 11.40 -11.47
CA GLY A 288 8.52 10.05 -11.59
C GLY A 288 7.89 9.02 -10.66
N TRP A 289 6.91 9.44 -9.85
CA TRP A 289 6.29 8.59 -8.84
C TRP A 289 4.78 8.52 -8.94
N THR A 290 4.14 9.69 -9.03
CA THR A 290 2.68 9.75 -8.89
C THR A 290 2.02 9.03 -10.05
N ALA A 291 1.34 7.93 -9.78
CA ALA A 291 0.65 7.16 -10.80
C ALA A 291 -0.80 7.60 -10.81
N VAL A 292 -1.30 8.00 -11.98
CA VAL A 292 -2.67 8.53 -12.10
C VAL A 292 -3.44 7.78 -13.19
N THR A 293 -4.76 7.76 -13.05
CA THR A 293 -5.59 7.24 -14.13
C THR A 293 -5.40 8.14 -15.35
N ARG A 294 -5.26 7.51 -16.52
CA ARG A 294 -5.11 8.28 -17.75
C ARG A 294 -6.37 9.09 -18.08
N ASP A 295 -7.52 8.63 -17.62
CA ASP A 295 -8.79 9.32 -17.88
C ASP A 295 -9.20 10.32 -16.79
N GLY A 296 -8.42 10.37 -15.71
CA GLY A 296 -8.66 11.33 -14.63
C GLY A 296 -9.78 10.98 -13.67
N LYS A 297 -10.34 9.79 -13.82
CA LYS A 297 -11.38 9.32 -12.90
C LYS A 297 -10.74 8.73 -11.65
N ARG A 298 -11.54 8.48 -10.62
CA ARG A 298 -10.99 8.13 -9.32
C ARG A 298 -10.55 6.69 -9.22
N SER A 299 -9.60 6.47 -8.32
CA SER A 299 -9.11 5.13 -8.03
C SER A 299 -9.04 4.96 -6.53
N ALA A 300 -9.30 3.73 -6.06
CA ALA A 300 -9.19 3.39 -4.66
C ALA A 300 -8.36 2.13 -4.48
N GLN A 301 -7.78 2.00 -3.30
CA GLN A 301 -6.90 0.87 -2.96
C GLN A 301 -7.06 0.47 -1.50
N PHE A 302 -6.92 -0.83 -1.22
CA PHE A 302 -6.76 -1.33 0.14
C PHE A 302 -5.66 -2.39 0.11
N GLU A 303 -4.99 -2.57 1.24
CA GLU A 303 -3.86 -3.51 1.29
C GLU A 303 -3.71 -4.10 2.68
N HIS A 304 -3.45 -5.42 2.71
CA HIS A 304 -2.99 -6.08 3.92
C HIS A 304 -1.73 -6.87 3.62
N THR A 305 -0.91 -7.09 4.64
CA THR A 305 0.16 -8.10 4.62
C THR A 305 -0.38 -9.40 5.22
N LEU A 306 -0.17 -10.51 4.52
CA LEU A 306 -0.75 -11.82 4.89
C LEU A 306 0.31 -12.86 5.13
N LEU A 307 0.08 -13.70 6.12
CA LEU A 307 0.89 -14.88 6.38
C LEU A 307 0.04 -16.11 6.09
N VAL A 308 0.51 -16.97 5.18
CA VAL A 308 -0.22 -18.21 4.87
C VAL A 308 -0.03 -19.23 6.00
N THR A 309 -1.16 -19.79 6.46
CA THR A 309 -1.17 -20.79 7.53
C THR A 309 -1.89 -22.05 7.05
N ASP A 310 -1.84 -23.10 7.86
CA ASP A 310 -2.48 -24.37 7.50
C ASP A 310 -3.99 -24.25 7.27
N THR A 311 -4.64 -23.35 7.99
CA THR A 311 -6.10 -23.16 7.88
C THR A 311 -6.52 -22.09 6.87
N GLY A 312 -5.56 -21.31 6.39
CA GLY A 312 -5.85 -20.23 5.46
C GLY A 312 -4.76 -19.20 5.54
N CYS A 313 -5.07 -18.07 6.16
CA CYS A 313 -4.05 -17.04 6.36
C CYS A 313 -4.31 -16.21 7.60
N GLU A 314 -3.24 -15.59 8.08
CA GLU A 314 -3.29 -14.66 9.18
C GLU A 314 -3.12 -13.26 8.56
N ILE A 315 -4.07 -12.37 8.84
CA ILE A 315 -3.97 -10.99 8.37
C ILE A 315 -3.12 -10.20 9.36
N LEU A 316 -1.84 -10.03 9.03
CA LEU A 316 -0.88 -9.47 9.98
C LEU A 316 -1.13 -8.00 10.30
N THR A 317 -1.74 -7.31 9.34
CA THR A 317 -1.97 -5.87 9.46
C THR A 317 -3.42 -5.54 9.82
N ARG A 318 -4.13 -6.53 10.34
CA ARG A 318 -5.53 -6.33 10.71
C ARG A 318 -5.66 -5.36 11.87
N ARG A 319 -6.83 -4.77 12.00
CA ARG A 319 -7.19 -4.11 13.25
C ARG A 319 -7.42 -5.15 14.37
N LEU A 320 -7.03 -4.80 15.59
CA LEU A 320 -7.18 -5.70 16.73
C LEU A 320 -8.37 -5.32 17.62
N ASP A 321 -8.83 -4.08 17.45
CA ASP A 321 -9.75 -3.44 18.37
C ASP A 321 -11.01 -2.92 17.69
N SER A 322 -11.15 -3.20 16.40
CA SER A 322 -12.28 -2.71 15.63
C SER A 322 -12.53 -3.64 14.45
N ALA A 323 -13.79 -3.89 14.16
CA ALA A 323 -14.18 -4.91 13.20
C ALA A 323 -14.02 -4.48 11.74
N ARG A 324 -14.02 -3.17 11.51
CA ARG A 324 -14.17 -2.64 10.16
C ARG A 324 -13.06 -1.66 9.81
N PRO A 325 -12.80 -1.45 8.51
CA PRO A 325 -11.86 -0.40 8.09
C PRO A 325 -12.42 0.97 8.44
N HIS A 326 -11.56 1.98 8.41
CA HIS A 326 -11.95 3.32 8.85
C HIS A 326 -13.11 3.95 8.08
N PHE A 327 -13.21 3.71 6.77
CA PHE A 327 -14.25 4.34 5.95
C PHE A 327 -15.68 3.95 6.37
N MET A 328 -15.78 2.82 7.08
N MET A 328 -15.79 2.82 7.06
CA MET A 328 -17.06 2.32 7.59
CA MET A 328 -17.06 2.36 7.61
C MET A 328 -17.34 2.79 9.03
C MET A 328 -17.35 3.03 8.93
N SER A 329 -16.28 3.22 9.72
CA SER A 329 -16.36 3.60 11.13
C SER A 329 -16.41 5.11 11.33
#